data_1SBW
#
_entry.id   1SBW
#
_cell.length_a   63.270
_cell.length_b   63.550
_cell.length_c   69.440
_cell.angle_alpha   90.00
_cell.angle_beta   90.00
_cell.angle_gamma   90.00
#
_symmetry.space_group_name_H-M   'P 21 21 21'
#
loop_
_entity.id
_entity.type
_entity.pdbx_description
1 polymer 'PROTEIN (BETA-TRYPSIN)'
2 polymer 'PROTEIN (MUNG BEAN INHIBITOR LYSIN ACTIVE FRAGMENT)'
3 non-polymer 'CALCIUM ION'
4 non-polymer 'SULFATE ION'
5 water water
#
loop_
_entity_poly.entity_id
_entity_poly.type
_entity_poly.pdbx_seq_one_letter_code
_entity_poly.pdbx_strand_id
1 'polypeptide(L)'
;IVGGYTCGANTVPYQVSLNSGYHFCGGSLINSQWVVSAAHCYKSGIQVRLGEDNINVVEGNEQFISASKSIVHPSYNSNT
LNNDIMLIKLKSAASLNSRVASISLPTSCASAGTQCLISGWGNTKSSGTSYPDVLKCLKAPILSDSSCKSAYPGQITSNM
FCAGYLEGGKDSCQGDSGGPVVCSGKLQGIVSWGSGCAQKNKPGVYTKVCNYVSWIKQTIASN
;
A
2 'polypeptide(L)' SSEPCCDSCRCTKSIPPQCHCANIRLFCYKPCESM I
#
loop_
_chem_comp.id
_chem_comp.type
_chem_comp.name
_chem_comp.formula
CA non-polymer 'CALCIUM ION' 'Ca 2'
SO4 non-polymer 'SULFATE ION' 'O4 S -2'
#
# COMPACT_ATOMS: atom_id res chain seq x y z
N ILE A 1 -7.92 -1.90 7.12
CA ILE A 1 -8.95 -2.29 6.10
C ILE A 1 -10.33 -2.27 6.78
N VAL A 2 -11.27 -1.56 6.17
CA VAL A 2 -12.63 -1.46 6.69
C VAL A 2 -13.52 -2.39 5.85
N GLY A 3 -14.33 -3.21 6.51
CA GLY A 3 -15.23 -4.10 5.80
C GLY A 3 -14.58 -5.26 5.07
N GLY A 4 -13.38 -5.64 5.51
CA GLY A 4 -12.67 -6.74 4.88
C GLY A 4 -12.78 -8.03 5.68
N TYR A 5 -11.87 -8.98 5.44
CA TYR A 5 -11.88 -10.26 6.12
C TYR A 5 -10.45 -10.65 6.50
N THR A 6 -10.30 -11.59 7.41
CA THR A 6 -8.99 -12.07 7.85
C THR A 6 -8.38 -12.89 6.72
N CYS A 7 -7.24 -12.45 6.22
CA CYS A 7 -6.60 -13.14 5.11
C CYS A 7 -6.26 -14.60 5.38
N GLY A 8 -5.71 -14.85 6.56
CA GLY A 8 -5.28 -16.18 6.91
C GLY A 8 -3.77 -16.12 6.81
N ALA A 9 -3.07 -16.74 7.75
CA ALA A 9 -1.61 -16.73 7.77
C ALA A 9 -0.97 -17.15 6.46
N ASN A 10 -0.02 -16.33 6.02
CA ASN A 10 0.77 -16.56 4.81
C ASN A 10 0.01 -16.65 3.48
N THR A 11 -1.18 -16.08 3.41
CA THR A 11 -1.95 -16.10 2.16
C THR A 11 -1.56 -14.91 1.26
N VAL A 12 -0.88 -13.92 1.84
CA VAL A 12 -0.40 -12.74 1.10
C VAL A 12 1.09 -12.67 1.47
N PRO A 13 1.89 -13.58 0.90
CA PRO A 13 3.33 -13.65 1.17
C PRO A 13 4.24 -12.48 0.83
N TYR A 14 3.76 -11.56 0.00
CA TYR A 14 4.55 -10.40 -0.42
C TYR A 14 4.30 -9.18 0.45
N GLN A 15 3.33 -9.29 1.36
CA GLN A 15 2.99 -8.18 2.25
C GLN A 15 4.05 -7.94 3.32
N VAL A 16 4.48 -6.69 3.51
CA VAL A 16 5.44 -6.38 4.55
C VAL A 16 4.87 -5.31 5.47
N SER A 17 5.39 -5.26 6.69
CA SER A 17 4.99 -4.26 7.67
C SER A 17 6.22 -3.38 7.89
N LEU A 18 6.05 -2.06 7.81
CA LEU A 18 7.17 -1.15 8.07
C LEU A 18 6.99 -0.84 9.56
N ASN A 19 8.07 -1.03 10.32
CA ASN A 19 8.02 -0.87 11.77
C ASN A 19 9.10 0.07 12.32
N SER A 20 8.73 0.90 13.28
CA SER A 20 9.65 1.82 13.94
C SER A 20 9.26 1.80 15.42
N GLY A 21 9.09 0.60 15.96
CA GLY A 21 8.67 0.47 17.35
C GLY A 21 7.15 0.26 17.39
N TYR A 22 6.53 0.28 16.21
CA TYR A 22 5.11 0.06 16.01
C TYR A 22 4.90 0.03 14.49
N HIS A 23 3.81 -0.58 14.05
CA HIS A 23 3.49 -0.65 12.62
C HIS A 23 2.96 0.71 12.17
N PHE A 24 3.53 1.27 11.10
CA PHE A 24 3.06 2.58 10.62
C PHE A 24 2.67 2.61 9.14
N CYS A 25 3.11 1.62 8.37
CA CYS A 25 2.80 1.55 6.95
C CYS A 25 3.06 0.14 6.44
N GLY A 26 2.48 -0.20 5.30
CA GLY A 26 2.69 -1.50 4.69
C GLY A 26 3.64 -1.35 3.53
N GLY A 27 3.86 -2.43 2.79
CA GLY A 27 4.75 -2.41 1.66
C GLY A 27 4.64 -3.73 0.93
N SER A 28 5.29 -3.84 -0.23
CA SER A 28 5.25 -5.07 -1.04
C SER A 28 6.66 -5.49 -1.42
N LEU A 29 6.97 -6.77 -1.22
CA LEU A 29 8.27 -7.29 -1.57
C LEU A 29 8.28 -7.58 -3.07
N ILE A 30 9.16 -6.92 -3.82
CA ILE A 30 9.21 -7.14 -5.27
C ILE A 30 10.34 -8.05 -5.74
N ASN A 31 11.33 -8.26 -4.88
CA ASN A 31 12.45 -9.17 -5.14
C ASN A 31 13.11 -9.41 -3.79
N SER A 32 14.11 -10.30 -3.72
CA SER A 32 14.71 -10.61 -2.42
C SER A 32 15.31 -9.47 -1.62
N GLN A 33 15.57 -8.33 -2.24
CA GLN A 33 16.18 -7.24 -1.51
C GLN A 33 15.48 -5.88 -1.64
N TRP A 34 14.33 -5.85 -2.31
CA TRP A 34 13.64 -4.57 -2.52
C TRP A 34 12.17 -4.59 -2.19
N VAL A 35 11.72 -3.52 -1.54
CA VAL A 35 10.32 -3.35 -1.15
C VAL A 35 9.78 -2.05 -1.79
N VAL A 36 8.53 -2.06 -2.21
CA VAL A 36 7.88 -0.87 -2.77
C VAL A 36 6.86 -0.41 -1.74
N SER A 37 6.85 0.89 -1.44
CA SER A 37 5.90 1.46 -0.49
C SER A 37 5.53 2.87 -0.95
N ALA A 38 4.86 3.64 -0.09
CA ALA A 38 4.45 4.99 -0.43
C ALA A 38 5.50 6.00 0.04
N ALA A 39 5.73 7.04 -0.75
CA ALA A 39 6.69 8.09 -0.40
C ALA A 39 6.36 8.76 0.92
N HIS A 40 5.08 8.98 1.19
CA HIS A 40 4.69 9.64 2.45
C HIS A 40 4.98 8.80 3.70
N CYS A 41 5.35 7.53 3.52
CA CYS A 41 5.68 6.64 4.64
C CYS A 41 7.14 6.80 5.01
N TYR A 42 7.88 7.61 4.26
CA TYR A 42 9.29 7.80 4.53
C TYR A 42 9.63 8.31 5.93
N LYS A 43 10.65 7.72 6.52
CA LYS A 43 11.19 8.11 7.82
C LYS A 43 12.48 7.32 8.03
N SER A 44 13.32 7.78 8.96
CA SER A 44 14.56 7.06 9.22
C SER A 44 14.31 5.98 10.26
N GLY A 45 15.22 5.01 10.33
CA GLY A 45 15.08 3.92 11.29
C GLY A 45 13.95 2.97 11.00
N ILE A 46 13.79 2.60 9.73
CA ILE A 46 12.73 1.68 9.33
C ILE A 46 13.19 0.23 9.41
N GLN A 47 12.41 -0.61 10.07
CA GLN A 47 12.70 -2.04 10.11
C GLN A 47 11.58 -2.69 9.29
N VAL A 48 11.96 -3.49 8.30
CA VAL A 48 10.99 -4.16 7.46
C VAL A 48 10.69 -5.52 8.06
N ARG A 49 9.40 -5.82 8.23
CA ARG A 49 8.98 -7.10 8.79
C ARG A 49 8.23 -7.94 7.76
N LEU A 50 8.85 -9.04 7.39
CA LEU A 50 8.34 -9.98 6.40
C LEU A 50 7.74 -11.22 7.06
N GLY A 51 6.84 -11.88 6.33
CA GLY A 51 6.21 -13.10 6.81
C GLY A 51 5.33 -12.96 8.03
N GLU A 52 4.76 -11.77 8.21
CA GLU A 52 3.90 -11.49 9.34
C GLU A 52 2.43 -11.82 9.13
N ASP A 53 1.78 -12.17 10.24
CA ASP A 53 0.34 -12.38 10.25
C ASP A 53 -0.07 -11.58 11.48
N ASN A 54 0.15 -12.12 12.68
CA ASN A 54 -0.15 -11.37 13.90
C ASN A 54 1.08 -10.50 14.13
N ILE A 55 0.92 -9.18 13.96
CA ILE A 55 2.05 -8.27 14.14
C ILE A 55 2.48 -8.03 15.58
N ASN A 56 1.67 -8.50 16.53
CA ASN A 56 2.00 -8.30 17.94
C ASN A 56 2.60 -9.53 18.62
N VAL A 57 2.63 -10.64 17.91
CA VAL A 57 3.16 -11.90 18.44
C VAL A 57 4.16 -12.57 17.50
N VAL A 58 5.26 -13.09 18.04
CA VAL A 58 6.23 -13.83 17.23
C VAL A 58 5.63 -15.25 17.13
N GLU A 59 5.22 -15.65 15.93
CA GLU A 59 4.57 -16.94 15.72
C GLU A 59 5.38 -17.90 14.85
N GLY A 60 6.44 -17.40 14.25
CA GLY A 60 7.24 -18.23 13.36
C GLY A 60 7.03 -17.70 11.97
N ASN A 61 8.07 -17.82 11.15
CA ASN A 61 8.08 -17.36 9.75
C ASN A 61 8.43 -15.88 9.55
N GLU A 62 8.59 -15.13 10.64
CA GLU A 62 8.95 -13.72 10.54
C GLU A 62 10.43 -13.52 10.23
N GLN A 63 10.73 -12.45 9.49
CA GLN A 63 12.11 -12.08 9.19
C GLN A 63 12.11 -10.58 9.39
N PHE A 64 12.93 -10.11 10.31
CA PHE A 64 13.03 -8.67 10.59
C PHE A 64 14.33 -8.22 9.94
N ILE A 65 14.25 -7.29 9.00
CA ILE A 65 15.44 -6.81 8.29
C ILE A 65 15.43 -5.30 8.23
N SER A 66 16.55 -4.68 8.60
CA SER A 66 16.66 -3.22 8.56
C SER A 66 16.72 -2.69 7.15
N ALA A 67 16.19 -1.50 6.95
CA ALA A 67 16.23 -0.86 5.64
C ALA A 67 17.65 -0.33 5.47
N SER A 68 18.27 -0.64 4.34
CA SER A 68 19.62 -0.16 4.03
C SER A 68 19.50 1.28 3.50
N LYS A 69 18.52 1.51 2.63
CA LYS A 69 18.28 2.85 2.08
C LYS A 69 16.85 2.96 1.58
N SER A 70 16.30 4.17 1.69
CA SER A 70 14.93 4.42 1.27
C SER A 70 15.00 5.49 0.20
N ILE A 71 14.51 5.16 -0.98
CA ILE A 71 14.54 6.07 -2.12
C ILE A 71 13.15 6.58 -2.47
N VAL A 72 12.87 7.81 -2.05
CA VAL A 72 11.58 8.46 -2.33
C VAL A 72 11.67 8.98 -3.76
N HIS A 73 10.58 8.92 -4.51
CA HIS A 73 10.61 9.42 -5.89
C HIS A 73 11.04 10.89 -5.86
N PRO A 74 12.03 11.27 -6.69
CA PRO A 74 12.53 12.64 -6.76
C PRO A 74 11.47 13.73 -6.96
N SER A 75 10.41 13.39 -7.69
CA SER A 75 9.33 14.33 -7.97
C SER A 75 8.11 14.20 -7.06
N TYR A 76 8.26 13.52 -5.94
CA TYR A 76 7.17 13.38 -4.98
C TYR A 76 6.75 14.76 -4.43
N ASN A 77 5.47 15.06 -4.49
CA ASN A 77 4.96 16.33 -3.95
C ASN A 77 4.07 15.98 -2.77
N SER A 78 4.48 16.37 -1.56
CA SER A 78 3.72 16.05 -0.36
C SER A 78 2.38 16.74 -0.23
N ASN A 79 2.14 17.77 -1.04
CA ASN A 79 0.87 18.49 -0.99
C ASN A 79 -0.19 17.83 -1.86
N THR A 80 0.19 17.46 -3.08
CA THR A 80 -0.73 16.84 -4.02
C THR A 80 -0.69 15.32 -3.95
N LEU A 81 0.38 14.78 -3.37
CA LEU A 81 0.57 13.33 -3.25
C LEU A 81 0.85 12.71 -4.61
N ASN A 82 1.23 13.55 -5.57
CA ASN A 82 1.57 13.05 -6.90
C ASN A 82 2.93 12.36 -6.76
N ASN A 83 3.13 11.25 -7.47
CA ASN A 83 4.37 10.47 -7.43
C ASN A 83 4.62 9.91 -6.01
N ASP A 84 3.58 9.38 -5.39
CA ASP A 84 3.67 8.84 -4.04
C ASP A 84 4.18 7.39 -4.08
N ILE A 85 5.49 7.23 -4.26
CA ILE A 85 6.09 5.91 -4.36
C ILE A 85 7.52 5.98 -3.85
N MET A 86 7.90 4.94 -3.11
CA MET A 86 9.22 4.84 -2.50
C MET A 86 9.74 3.41 -2.60
N LEU A 87 11.05 3.29 -2.80
CA LEU A 87 11.69 1.99 -2.87
C LEU A 87 12.57 1.84 -1.64
N ILE A 88 12.56 0.66 -1.02
CA ILE A 88 13.37 0.43 0.16
C ILE A 88 14.29 -0.75 -0.13
N LYS A 89 15.59 -0.54 0.02
CA LYS A 89 16.53 -1.62 -0.19
C LYS A 89 16.80 -2.26 1.18
N LEU A 90 16.74 -3.59 1.25
CA LEU A 90 16.97 -4.31 2.50
C LEU A 90 18.46 -4.46 2.76
N LYS A 91 18.85 -4.42 4.03
CA LYS A 91 20.26 -4.57 4.40
C LYS A 91 20.77 -5.96 4.02
N SER A 92 19.89 -6.95 4.11
CA SER A 92 20.20 -8.34 3.77
C SER A 92 19.05 -8.87 2.92
N ALA A 93 19.33 -9.80 2.03
CA ALA A 93 18.30 -10.37 1.18
C ALA A 93 17.39 -11.23 2.06
N ALA A 94 16.10 -11.22 1.74
CA ALA A 94 15.13 -12.02 2.48
C ALA A 94 15.23 -13.45 2.00
N SER A 95 14.80 -14.39 2.83
CA SER A 95 14.79 -15.79 2.45
C SER A 95 13.44 -16.02 1.81
N LEU A 96 13.42 -16.27 0.51
CA LEU A 96 12.16 -16.51 -0.18
C LEU A 96 11.83 -17.99 -0.15
N ASN A 97 10.53 -18.28 -0.24
CA ASN A 97 10.04 -19.65 -0.16
C ASN A 97 8.55 -19.65 -0.51
N SER A 98 7.73 -20.10 0.43
CA SER A 98 6.28 -20.15 0.28
C SER A 98 5.64 -19.08 1.16
N ARG A 99 6.04 -19.06 2.43
CA ARG A 99 5.52 -18.12 3.43
C ARG A 99 5.92 -16.66 3.17
N VAL A 100 7.01 -16.48 2.40
CA VAL A 100 7.50 -15.17 2.01
C VAL A 100 7.84 -15.31 0.52
N ALA A 101 7.28 -14.42 -0.30
CA ALA A 101 7.51 -14.44 -1.74
C ALA A 101 7.32 -13.04 -2.32
N SER A 102 7.90 -12.79 -3.49
CA SER A 102 7.77 -11.48 -4.11
C SER A 102 6.58 -11.44 -5.06
N ILE A 103 6.12 -10.22 -5.36
CA ILE A 103 4.99 -10.03 -6.27
C ILE A 103 5.58 -9.41 -7.55
N SER A 104 5.01 -9.74 -8.70
CA SER A 104 5.49 -9.22 -9.98
C SER A 104 5.00 -7.82 -10.31
N LEU A 105 5.82 -7.08 -11.05
CA LEU A 105 5.47 -5.73 -11.48
C LEU A 105 4.62 -5.92 -12.74
N PRO A 106 3.69 -4.98 -13.00
CA PRO A 106 2.83 -5.10 -14.19
C PRO A 106 3.53 -4.77 -15.50
N THR A 107 3.00 -5.34 -16.59
CA THR A 107 3.53 -5.12 -17.92
C THR A 107 2.65 -4.08 -18.61
N SER A 108 1.42 -3.97 -18.12
CA SER A 108 0.46 -3.01 -18.64
C SER A 108 -0.44 -2.57 -17.49
N CYS A 109 -1.10 -1.44 -17.67
CA CYS A 109 -2.01 -0.92 -16.66
C CYS A 109 -3.30 -1.73 -16.64
N ALA A 110 -4.00 -1.72 -15.51
CA ALA A 110 -5.25 -2.46 -15.37
C ALA A 110 -6.44 -1.61 -15.80
N SER A 111 -7.47 -2.25 -16.37
CA SER A 111 -8.68 -1.55 -16.83
C SER A 111 -9.69 -1.39 -15.70
N ALA A 112 -10.65 -0.49 -15.89
CA ALA A 112 -11.69 -0.27 -14.90
C ALA A 112 -12.45 -1.59 -14.77
N GLY A 113 -12.89 -1.92 -13.57
CA GLY A 113 -13.63 -3.16 -13.38
C GLY A 113 -12.79 -4.36 -12.99
N THR A 114 -11.48 -4.24 -13.14
CA THR A 114 -10.58 -5.32 -12.75
C THR A 114 -10.67 -5.49 -11.23
N GLN A 115 -10.83 -6.74 -10.78
CA GLN A 115 -10.93 -7.05 -9.36
C GLN A 115 -9.52 -7.18 -8.77
N CYS A 116 -9.29 -6.56 -7.61
CA CYS A 116 -7.97 -6.60 -6.99
C CYS A 116 -8.04 -6.94 -5.51
N LEU A 117 -6.91 -7.34 -4.94
CA LEU A 117 -6.82 -7.66 -3.52
C LEU A 117 -5.97 -6.59 -2.84
N ILE A 118 -6.53 -5.97 -1.82
CA ILE A 118 -5.86 -4.92 -1.04
C ILE A 118 -5.71 -5.53 0.36
N SER A 119 -4.56 -5.35 0.98
CA SER A 119 -4.33 -5.93 2.31
C SER A 119 -3.56 -5.00 3.23
N GLY A 120 -3.71 -5.20 4.54
CA GLY A 120 -3.00 -4.36 5.50
C GLY A 120 -3.44 -4.54 6.95
N TRP A 121 -2.73 -3.86 7.84
CA TRP A 121 -2.99 -3.90 9.28
C TRP A 121 -3.56 -2.57 9.77
N GLY A 122 -4.17 -1.81 8.85
CA GLY A 122 -4.74 -0.52 9.21
C GLY A 122 -6.06 -0.60 9.95
N ASN A 123 -6.56 0.57 10.33
CA ASN A 123 -7.81 0.73 11.05
C ASN A 123 -8.95 -0.04 10.38
N THR A 124 -9.75 -0.74 11.17
CA THR A 124 -10.88 -1.50 10.64
C THR A 124 -12.19 -0.74 10.86
N LYS A 125 -12.09 0.47 11.40
CA LYS A 125 -13.26 1.31 11.68
C LYS A 125 -13.37 2.55 10.80
N SER A 126 -14.56 2.73 10.21
CA SER A 126 -14.85 3.88 9.35
C SER A 126 -15.00 5.10 10.26
N SER A 127 -15.54 4.86 11.44
CA SER A 127 -15.75 5.90 12.44
C SER A 127 -15.14 5.38 13.73
N GLY A 128 -14.02 5.97 14.13
CA GLY A 128 -13.37 5.53 15.36
C GLY A 128 -12.05 4.89 15.01
N THR A 129 -11.52 4.06 15.92
CA THR A 129 -10.25 3.42 15.68
C THR A 129 -10.18 2.03 16.30
N SER A 130 -9.73 1.08 15.50
CA SER A 130 -9.58 -0.30 15.94
C SER A 130 -8.56 -0.97 15.02
N TYR A 131 -7.34 -1.13 15.54
CA TYR A 131 -6.26 -1.75 14.79
C TYR A 131 -6.23 -3.24 15.05
N PRO A 132 -6.25 -4.06 13.99
CA PRO A 132 -6.23 -5.52 14.14
C PRO A 132 -4.84 -6.08 14.43
N ASP A 133 -4.81 -7.30 14.97
CA ASP A 133 -3.56 -7.99 15.26
C ASP A 133 -3.12 -8.67 13.96
N VAL A 134 -4.07 -9.32 13.29
CA VAL A 134 -3.79 -10.06 12.06
C VAL A 134 -4.09 -9.29 10.79
N LEU A 135 -3.51 -9.76 9.68
CA LEU A 135 -3.65 -9.12 8.38
C LEU A 135 -5.06 -9.24 7.83
N LYS A 136 -5.60 -8.11 7.34
CA LYS A 136 -6.93 -8.06 6.75
C LYS A 136 -6.83 -7.94 5.23
N CYS A 137 -7.83 -8.47 4.54
CA CYS A 137 -7.88 -8.49 3.08
C CYS A 137 -9.19 -7.91 2.58
N LEU A 138 -9.17 -7.37 1.37
CA LEU A 138 -10.36 -6.79 0.76
C LEU A 138 -10.28 -6.86 -0.75
N LYS A 139 -11.31 -7.40 -1.39
CA LYS A 139 -11.37 -7.46 -2.83
C LYS A 139 -12.11 -6.22 -3.27
N ALA A 140 -11.52 -5.44 -4.17
CA ALA A 140 -12.13 -4.21 -4.61
C ALA A 140 -11.84 -3.99 -6.08
N PRO A 141 -12.78 -3.36 -6.80
CA PRO A 141 -12.56 -3.12 -8.22
C PRO A 141 -11.93 -1.74 -8.50
N ILE A 142 -11.20 -1.65 -9.61
CA ILE A 142 -10.61 -0.40 -10.02
C ILE A 142 -11.76 0.38 -10.67
N LEU A 143 -11.94 1.63 -10.25
CA LEU A 143 -13.02 2.45 -10.78
C LEU A 143 -12.60 3.19 -12.04
N SER A 144 -13.60 3.62 -12.82
CA SER A 144 -13.33 4.37 -14.04
C SER A 144 -12.75 5.73 -13.68
N ASP A 145 -11.96 6.30 -14.58
CA ASP A 145 -11.36 7.60 -14.37
C ASP A 145 -12.39 8.71 -14.18
N SER A 146 -13.47 8.65 -14.95
CA SER A 146 -14.51 9.67 -14.84
C SER A 146 -15.13 9.67 -13.44
N SER A 147 -15.41 8.50 -12.89
CA SER A 147 -15.98 8.40 -11.55
C SER A 147 -14.98 8.86 -10.48
N CYS A 148 -13.72 8.51 -10.70
CA CYS A 148 -12.66 8.89 -9.78
C CYS A 148 -12.52 10.42 -9.73
N LYS A 149 -12.46 11.04 -10.90
CA LYS A 149 -12.34 12.50 -10.97
C LYS A 149 -13.59 13.24 -10.52
N SER A 150 -14.76 12.60 -10.66
CA SER A 150 -16.00 13.20 -10.21
C SER A 150 -15.99 13.26 -8.68
N ALA A 151 -15.45 12.22 -8.07
CA ALA A 151 -15.36 12.11 -6.61
C ALA A 151 -14.34 13.08 -6.02
N TYR A 152 -13.24 13.29 -6.73
CA TYR A 152 -12.19 14.18 -6.25
C TYR A 152 -11.79 15.15 -7.36
N PRO A 153 -12.66 16.10 -7.68
CA PRO A 153 -12.35 17.06 -8.75
C PRO A 153 -11.06 17.87 -8.53
N GLY A 154 -10.23 17.91 -9.57
CA GLY A 154 -8.99 18.65 -9.55
C GLY A 154 -7.85 18.06 -8.72
N GLN A 155 -8.05 16.86 -8.17
CA GLN A 155 -7.03 16.25 -7.32
C GLN A 155 -6.41 14.98 -7.85
N ILE A 156 -7.02 14.39 -8.88
CA ILE A 156 -6.53 13.15 -9.45
C ILE A 156 -5.57 13.38 -10.62
N THR A 157 -4.32 12.94 -10.48
CA THR A 157 -3.36 13.10 -11.56
C THR A 157 -3.33 11.80 -12.35
N SER A 158 -2.58 11.80 -13.45
CA SER A 158 -2.49 10.60 -14.28
C SER A 158 -1.77 9.47 -13.54
N ASN A 159 -1.17 9.78 -12.39
CA ASN A 159 -0.43 8.80 -11.62
C ASN A 159 -1.23 8.21 -10.47
N MET A 160 -2.54 8.36 -10.53
CA MET A 160 -3.42 7.85 -9.48
C MET A 160 -4.63 7.18 -10.09
N PHE A 161 -5.27 6.32 -9.30
CA PHE A 161 -6.51 5.66 -9.70
C PHE A 161 -7.32 5.38 -8.44
N CYS A 162 -8.63 5.29 -8.61
CA CYS A 162 -9.51 5.02 -7.50
C CYS A 162 -9.89 3.55 -7.56
N ALA A 163 -10.12 2.96 -6.41
CA ALA A 163 -10.56 1.57 -6.30
C ALA A 163 -11.42 1.51 -5.06
N GLY A 164 -12.46 0.69 -5.10
CA GLY A 164 -13.31 0.60 -3.93
C GLY A 164 -14.78 0.58 -4.26
N TYR A 165 -15.58 1.09 -3.34
CA TYR A 165 -17.03 1.08 -3.47
C TYR A 165 -17.64 2.44 -3.18
N LEU A 166 -18.39 2.97 -4.14
CA LEU A 166 -19.03 4.26 -3.99
C LEU A 166 -20.11 4.28 -2.90
N GLU A 167 -20.65 3.11 -2.56
CA GLU A 167 -21.67 3.01 -1.53
C GLU A 167 -21.08 3.04 -0.12
N GLY A 168 -19.75 3.02 -0.02
CA GLY A 168 -19.09 3.05 1.28
C GLY A 168 -19.07 1.69 1.96
N GLY A 169 -18.47 1.62 3.13
CA GLY A 169 -18.44 0.36 3.87
C GLY A 169 -17.22 -0.52 3.73
N LYS A 170 -16.52 -0.43 2.60
CA LYS A 170 -15.32 -1.23 2.36
C LYS A 170 -14.25 -0.30 1.78
N ASP A 171 -13.06 -0.27 2.39
CA ASP A 171 -11.99 0.63 1.92
C ASP A 171 -10.70 0.37 2.71
N SER A 172 -9.59 0.94 2.25
CA SER A 172 -8.34 0.85 2.98
C SER A 172 -8.44 2.02 3.96
N CYS A 173 -7.64 2.03 5.02
CA CYS A 173 -7.71 3.10 6.01
C CYS A 173 -6.34 3.34 6.67
N GLN A 174 -6.26 4.28 7.62
CA GLN A 174 -4.99 4.58 8.27
C GLN A 174 -4.26 3.33 8.77
N GLY A 175 -3.00 3.19 8.32
CA GLY A 175 -2.20 2.05 8.67
C GLY A 175 -2.00 1.13 7.46
N ASP A 176 -2.83 1.33 6.44
CA ASP A 176 -2.75 0.54 5.21
C ASP A 176 -1.81 1.13 4.15
N SER A 177 -1.49 2.42 4.27
CA SER A 177 -0.62 3.12 3.32
C SER A 177 0.63 2.35 2.95
N GLY A 178 1.01 2.46 1.67
CA GLY A 178 2.19 1.78 1.17
C GLY A 178 1.94 0.34 0.79
N GLY A 179 0.82 -0.21 1.25
CA GLY A 179 0.46 -1.59 0.98
C GLY A 179 0.08 -1.89 -0.46
N PRO A 180 -0.02 -3.17 -0.81
CA PRO A 180 -0.34 -3.62 -2.15
C PRO A 180 -1.79 -3.64 -2.62
N VAL A 181 -1.94 -3.40 -3.92
CA VAL A 181 -3.21 -3.50 -4.61
C VAL A 181 -2.78 -4.44 -5.74
N VAL A 182 -3.09 -5.72 -5.58
CA VAL A 182 -2.70 -6.74 -6.55
C VAL A 182 -3.89 -7.21 -7.40
N CYS A 183 -3.71 -7.16 -8.71
CA CYS A 183 -4.77 -7.56 -9.64
C CYS A 183 -4.15 -8.55 -10.62
N SER A 184 -4.75 -9.73 -10.72
CA SER A 184 -4.26 -10.77 -11.61
C SER A 184 -2.78 -11.11 -11.37
N GLY A 185 -2.37 -11.15 -10.11
CA GLY A 185 -1.00 -11.48 -9.78
C GLY A 185 0.05 -10.43 -10.06
N LYS A 186 -0.36 -9.20 -10.37
CA LYS A 186 0.57 -8.10 -10.63
C LYS A 186 0.31 -6.96 -9.66
N LEU A 187 1.36 -6.30 -9.20
CA LEU A 187 1.20 -5.17 -8.28
C LEU A 187 0.78 -3.93 -9.10
N GLN A 188 -0.50 -3.56 -9.02
CA GLN A 188 -0.99 -2.43 -9.79
C GLN A 188 -1.12 -1.13 -9.01
N GLY A 189 -1.18 -1.20 -7.68
CA GLY A 189 -1.31 0.01 -6.92
C GLY A 189 -0.67 0.00 -5.55
N ILE A 190 -0.55 1.18 -4.97
CA ILE A 190 0.02 1.37 -3.64
C ILE A 190 -1.01 2.19 -2.86
N VAL A 191 -1.38 1.73 -1.67
CA VAL A 191 -2.33 2.47 -0.84
C VAL A 191 -1.76 3.88 -0.58
N SER A 192 -2.52 4.91 -0.95
CA SER A 192 -2.04 6.28 -0.80
C SER A 192 -2.90 7.20 0.08
N TRP A 193 -4.06 7.61 -0.41
CA TRP A 193 -4.91 8.54 0.34
C TRP A 193 -6.38 8.42 0.04
N GLY A 194 -7.17 9.25 0.71
CA GLY A 194 -8.60 9.27 0.51
C GLY A 194 -9.22 10.28 1.46
N SER A 195 -10.50 10.58 1.24
CA SER A 195 -11.21 11.51 2.11
C SER A 195 -11.85 10.56 3.13
N GLY A 196 -11.23 10.47 4.31
CA GLY A 196 -11.74 9.56 5.33
C GLY A 196 -11.56 8.12 4.88
N CYS A 197 -12.37 7.22 5.44
CA CYS A 197 -12.30 5.81 5.08
C CYS A 197 -13.71 5.27 4.93
N ALA A 198 -13.93 4.51 3.86
CA ALA A 198 -15.21 3.88 3.58
C ALA A 198 -16.42 4.81 3.60
N GLN A 199 -16.23 6.06 3.22
CA GLN A 199 -17.33 7.03 3.18
C GLN A 199 -18.00 6.95 1.83
N LYS A 200 -19.30 7.24 1.80
CA LYS A 200 -20.07 7.21 0.56
C LYS A 200 -19.47 8.16 -0.45
N ASN A 201 -19.31 7.69 -1.67
CA ASN A 201 -18.77 8.48 -2.78
C ASN A 201 -17.35 9.01 -2.63
N LYS A 202 -16.59 8.42 -1.71
CA LYS A 202 -15.21 8.84 -1.49
C LYS A 202 -14.34 7.58 -1.43
N PRO A 203 -14.13 6.94 -2.59
CA PRO A 203 -13.32 5.73 -2.66
C PRO A 203 -11.84 6.00 -2.41
N GLY A 204 -11.07 4.95 -2.14
CA GLY A 204 -9.66 5.13 -1.89
C GLY A 204 -8.92 5.51 -3.16
N VAL A 205 -7.82 6.25 -3.02
CA VAL A 205 -6.99 6.65 -4.15
C VAL A 205 -5.66 5.92 -4.00
N TYR A 206 -5.15 5.43 -5.13
CA TYR A 206 -3.94 4.63 -5.14
C TYR A 206 -2.93 5.10 -6.18
N THR A 207 -1.65 4.90 -5.87
CA THR A 207 -0.58 5.25 -6.78
C THR A 207 -0.62 4.21 -7.90
N LYS A 208 -0.59 4.70 -9.14
CA LYS A 208 -0.63 3.86 -10.32
C LYS A 208 0.76 3.32 -10.68
N VAL A 209 1.06 2.13 -10.17
CA VAL A 209 2.36 1.49 -10.35
C VAL A 209 2.82 1.29 -11.78
N CYS A 210 1.90 0.98 -12.70
CA CYS A 210 2.28 0.77 -14.09
C CYS A 210 2.99 1.99 -14.71
N ASN A 211 2.76 3.18 -14.17
CA ASN A 211 3.44 4.37 -14.70
C ASN A 211 4.88 4.47 -14.23
N TYR A 212 5.27 3.62 -13.27
CA TYR A 212 6.60 3.67 -12.68
C TYR A 212 7.51 2.48 -12.90
N VAL A 213 7.07 1.52 -13.71
CA VAL A 213 7.87 0.32 -13.96
C VAL A 213 9.29 0.64 -14.46
N SER A 214 9.40 1.55 -15.44
CA SER A 214 10.71 1.94 -15.97
C SER A 214 11.58 2.58 -14.87
N TRP A 215 10.97 3.47 -14.09
CA TRP A 215 11.70 4.14 -13.02
C TRP A 215 12.19 3.15 -11.96
N ILE A 216 11.32 2.22 -11.57
CA ILE A 216 11.69 1.23 -10.56
C ILE A 216 12.87 0.39 -11.05
N LYS A 217 12.77 -0.14 -12.26
CA LYS A 217 13.83 -0.96 -12.79
C LYS A 217 15.16 -0.23 -12.93
N GLN A 218 15.13 1.00 -13.42
CA GLN A 218 16.35 1.77 -13.60
C GLN A 218 17.01 2.13 -12.27
N THR A 219 16.18 2.41 -11.27
CA THR A 219 16.66 2.77 -9.94
C THR A 219 17.29 1.58 -9.24
N ILE A 220 16.63 0.42 -9.30
CA ILE A 220 17.15 -0.80 -8.69
C ILE A 220 18.47 -1.17 -9.35
N ALA A 221 18.49 -1.10 -10.68
CA ALA A 221 19.68 -1.44 -11.45
C ALA A 221 20.89 -0.59 -11.08
N SER A 222 20.65 0.65 -10.65
CA SER A 222 21.72 1.58 -10.28
C SER A 222 22.11 1.57 -8.80
N ASN A 223 21.39 0.79 -7.99
CA ASN A 223 21.66 0.75 -6.56
C ASN A 223 21.89 -0.68 -6.05
N SER B 8 -10.70 19.23 -0.87
CA SER B 8 -11.42 18.87 0.38
C SER B 8 -10.42 18.23 1.33
N CYS B 9 -10.79 18.08 2.60
CA CYS B 9 -9.88 17.47 3.58
C CYS B 9 -9.54 16.03 3.22
N ARG B 10 -8.33 15.83 2.73
CA ARG B 10 -7.85 14.51 2.33
C ARG B 10 -6.67 14.13 3.22
N CYS B 11 -6.60 12.85 3.58
CA CYS B 11 -5.51 12.37 4.44
C CYS B 11 -4.84 11.13 3.86
N THR B 12 -3.54 11.03 4.10
CA THR B 12 -2.79 9.84 3.67
C THR B 12 -3.24 8.75 4.65
N LYS B 13 -3.05 7.48 4.28
CA LYS B 13 -3.47 6.39 5.15
C LYS B 13 -2.34 5.75 5.97
N SER B 14 -1.47 6.61 6.49
CA SER B 14 -0.33 6.18 7.30
C SER B 14 -0.67 6.43 8.76
N ILE B 15 0.21 5.98 9.64
CA ILE B 15 0.05 6.20 11.07
C ILE B 15 1.24 7.04 11.52
N PRO B 16 1.01 8.32 11.86
CA PRO B 16 -0.29 8.99 11.85
C PRO B 16 -0.59 9.55 10.44
N PRO B 17 -1.85 9.91 10.17
CA PRO B 17 -2.18 10.44 8.85
C PRO B 17 -1.66 11.86 8.61
N GLN B 18 -1.47 12.19 7.34
CA GLN B 18 -1.02 13.52 6.92
C GLN B 18 -2.20 14.07 6.14
N CYS B 19 -2.83 15.12 6.66
CA CYS B 19 -4.00 15.70 6.03
C CYS B 19 -3.83 17.08 5.37
N HIS B 20 -4.64 17.32 4.36
CA HIS B 20 -4.63 18.57 3.61
C HIS B 20 -6.08 18.89 3.30
N CYS B 21 -6.29 19.98 2.57
CA CYS B 21 -7.64 20.39 2.17
C CYS B 21 -7.56 20.87 0.72
N ALA B 22 -8.45 20.52 -0.07
CA CA C . 4.22 -11.94 14.23
S SO4 D . 17.76 1.42 -19.64
O1 SO4 D . 18.46 1.87 -18.29
O2 SO4 D . 16.43 2.22 -19.83
O3 SO4 D . 17.44 -0.12 -19.57
O4 SO4 D . 18.75 1.72 -20.85
#